data_9KF0
#
_entry.id   9KF0
#
_cell.length_a   68.790
_cell.length_b   68.790
_cell.length_c   78.960
_cell.angle_alpha   90.00
_cell.angle_beta   90.00
_cell.angle_gamma   120.00
#
_symmetry.space_group_name_H-M   'P 31 2 1'
#
loop_
_entity.id
_entity.type
_entity.pdbx_description
1 polymer 'Peptidyl-prolyl cis-trans isomerase NIMA-interacting 1'
2 non-polymer (2,5-dimethylpyrazol-3-yl)methanol
3 non-polymer 3,6,9,12,15,18,21-HEPTAOXATRICOSANE-1,23-DIOL
4 non-polymer 'SULFATE ION'
5 water water
#
_entity_poly.entity_id   1
_entity_poly.type   'polypeptide(L)'
_entity_poly.pdbx_seq_one_letter_code
;MADEEKLPPGWEKAMSRSSGRVYYFNHITNASQWERPSGNSSSGGKNGQGEPARVRCSHLLVKHSQSRRPSSWRQEKITR
TKEEALELINGYIQKIKSGEEDFESLASQFSDCSSAKARGDLGAFSRGQMQKPFEDASFALRTGEMSGPVFTDSGIHIIL
RTE
;
_entity_poly.pdbx_strand_id   A
#
loop_
_chem_comp.id
_chem_comp.type
_chem_comp.name
_chem_comp.formula
A1EFF non-polymer (2,5-dimethylpyrazol-3-yl)methanol 'C6 H10 N2 O'
PE8 non-polymer 3,6,9,12,15,18,21-HEPTAOXATRICOSANE-1,23-DIOL 'C16 H34 O9'
SO4 non-polymer 'SULFATE ION' 'O4 S -2'
#
# COMPACT_ATOMS: atom_id res chain seq x y z
N LYS A 6 12.66 20.36 5.47
CA LYS A 6 11.45 20.54 6.27
C LYS A 6 10.97 19.21 6.81
N LEU A 7 10.62 18.30 5.91
CA LEU A 7 9.92 17.07 6.20
C LEU A 7 10.66 15.86 5.65
N PRO A 8 10.40 14.68 6.21
CA PRO A 8 11.05 13.44 5.76
C PRO A 8 10.96 13.24 4.26
N PRO A 9 11.60 12.18 3.73
CA PRO A 9 11.60 11.99 2.26
C PRO A 9 10.20 11.87 1.69
N GLY A 10 9.86 12.80 0.79
CA GLY A 10 8.65 12.67 0.01
C GLY A 10 7.40 13.27 0.60
N TRP A 11 7.48 13.88 1.79
CA TRP A 11 6.34 14.52 2.42
C TRP A 11 6.19 15.96 1.95
N GLU A 12 4.93 16.42 1.93
CA GLU A 12 4.60 17.80 1.63
C GLU A 12 3.31 18.16 2.34
N LYS A 13 3.13 19.46 2.57
CA LYS A 13 1.90 19.95 3.15
C LYS A 13 0.81 20.06 2.10
N ALA A 14 -0.42 19.79 2.53
CA ALA A 14 -1.59 19.99 1.69
C ALA A 14 -2.69 20.62 2.51
N MET A 15 -3.78 20.98 1.85
CA MET A 15 -4.93 21.54 2.53
C MET A 15 -6.16 20.69 2.25
N SER A 16 -6.79 20.22 3.33
CA SER A 16 -8.06 19.53 3.22
C SER A 16 -9.08 20.40 2.52
N ARG A 17 -9.74 19.85 1.49
CA ARG A 17 -10.75 20.64 0.82
C ARG A 17 -11.99 20.82 1.67
N SER A 18 -12.31 19.85 2.51
CA SER A 18 -13.56 19.93 3.22
C SER A 18 -13.42 20.61 4.58
N SER A 19 -12.24 20.51 5.20
CA SER A 19 -12.06 21.07 6.53
C SER A 19 -11.26 22.35 6.57
N GLY A 20 -10.42 22.63 5.57
CA GLY A 20 -9.52 23.76 5.65
C GLY A 20 -8.29 23.53 6.50
N ARG A 21 -8.19 22.39 7.16
CA ARG A 21 -7.07 22.06 8.01
C ARG A 21 -5.96 21.50 7.16
N VAL A 22 -4.72 21.88 7.48
CA VAL A 22 -3.60 21.34 6.70
C VAL A 22 -3.38 19.88 7.06
N TYR A 23 -2.72 19.17 6.17
CA TYR A 23 -2.39 17.78 6.40
C TYR A 23 -1.11 17.50 5.65
N TYR A 24 -0.65 16.26 5.72
CA TYR A 24 0.64 15.90 5.14
C TYR A 24 0.44 14.73 4.19
N PHE A 25 0.98 14.86 3.00
CA PHE A 25 0.85 13.86 1.97
C PHE A 25 2.25 13.44 1.53
N ASN A 26 2.42 12.14 1.31
CA ASN A 26 3.71 11.60 0.87
C ASN A 26 3.53 11.11 -0.55
N HIS A 27 4.22 11.73 -1.50
CA HIS A 27 4.01 11.41 -2.89
C HIS A 27 4.76 10.16 -3.32
N ILE A 28 5.63 9.62 -2.47
CA ILE A 28 6.26 8.33 -2.74
C ILE A 28 5.40 7.17 -2.24
N THR A 29 4.83 7.27 -1.03
CA THR A 29 4.02 6.20 -0.47
C THR A 29 2.53 6.41 -0.64
N ASN A 30 2.09 7.61 -1.03
CA ASN A 30 0.69 8.01 -1.10
C ASN A 30 -0.03 7.92 0.26
N ALA A 31 0.74 7.82 1.35
CA ALA A 31 0.17 8.03 2.67
C ALA A 31 -0.29 9.48 2.86
N SER A 32 -1.32 9.65 3.68
CA SER A 32 -1.75 10.98 4.08
C SER A 32 -2.28 10.92 5.51
N GLN A 33 -1.99 11.98 6.27
CA GLN A 33 -2.24 12.02 7.70
C GLN A 33 -2.38 13.46 8.15
N TRP A 34 -3.11 13.66 9.25
CA TRP A 34 -3.19 15.00 9.82
C TRP A 34 -1.90 15.38 10.54
N GLU A 35 -1.21 14.42 11.12
CA GLU A 35 -0.09 14.71 12.01
C GLU A 35 1.19 14.90 11.21
N ARG A 36 2.03 15.84 11.65
CA ARG A 36 3.30 16.13 10.96
C ARG A 36 4.21 14.90 11.01
N PRO A 37 4.78 14.46 9.90
CA PRO A 37 5.48 13.17 9.87
C PRO A 37 6.69 13.13 10.81
N SER A 38 6.91 11.95 11.40
CA SER A 38 7.93 11.78 12.43
C SER A 38 9.33 11.74 11.82
N GLY A 39 10.32 12.13 12.64
CA GLY A 39 11.74 11.95 12.37
C GLY A 39 12.24 12.05 10.94
N GLU A 51 19.32 5.15 4.75
CA GLU A 51 18.21 4.21 4.64
C GLU A 51 18.72 2.77 4.74
N PRO A 52 17.90 1.89 5.33
CA PRO A 52 18.38 0.52 5.60
C PRO A 52 18.66 -0.24 4.32
N ALA A 53 19.51 -1.24 4.46
CA ALA A 53 19.81 -2.12 3.33
C ALA A 53 18.58 -2.93 2.95
N ARG A 54 17.81 -3.36 3.93
CA ARG A 54 16.65 -4.20 3.70
C ARG A 54 15.48 -3.65 4.51
N VAL A 55 14.27 -3.85 3.98
CA VAL A 55 13.05 -3.63 4.74
C VAL A 55 12.22 -4.91 4.64
N ARG A 56 11.30 -5.07 5.58
CA ARG A 56 10.33 -6.14 5.53
C ARG A 56 8.93 -5.54 5.45
N CYS A 57 8.15 -6.01 4.49
CA CYS A 57 6.82 -5.46 4.27
C CYS A 57 5.83 -6.58 4.06
N SER A 58 4.59 -6.28 4.39
CA SER A 58 3.44 -7.04 3.93
C SER A 58 2.70 -6.18 2.93
N HIS A 59 1.80 -6.80 2.17
CA HIS A 59 0.99 -6.00 1.26
C HIS A 59 -0.33 -6.70 1.04
N LEU A 60 -1.28 -5.91 0.59
CA LEU A 60 -2.60 -6.34 0.14
C LEU A 60 -2.71 -5.85 -1.29
N LEU A 61 -2.71 -6.78 -2.23
CA LEU A 61 -2.77 -6.46 -3.66
C LEU A 61 -4.20 -6.60 -4.16
N VAL A 62 -4.68 -5.60 -4.89
CA VAL A 62 -5.92 -5.76 -5.63
C VAL A 62 -5.57 -5.68 -7.10
N LYS A 63 -5.81 -6.78 -7.80
CA LYS A 63 -5.51 -6.84 -9.22
C LYS A 63 -6.71 -6.32 -9.99
N HIS A 64 -6.48 -6.06 -11.27
CA HIS A 64 -7.51 -5.53 -12.13
C HIS A 64 -7.25 -6.05 -13.54
N SER A 65 -8.15 -5.72 -14.46
CA SER A 65 -8.09 -6.34 -15.78
C SER A 65 -6.80 -6.00 -16.53
N GLN A 66 -6.14 -4.89 -16.20
CA GLN A 66 -4.88 -4.55 -16.87
C GLN A 66 -3.67 -5.00 -16.07
N SER A 67 -3.86 -5.82 -15.04
CA SER A 67 -2.73 -6.33 -14.27
C SER A 67 -1.87 -7.22 -15.16
N ARG A 68 -0.58 -7.26 -14.81
CA ARG A 68 0.37 -8.07 -15.58
C ARG A 68 -0.14 -9.49 -15.79
N ARG A 69 -0.76 -10.06 -14.78
CA ARG A 69 -1.34 -11.40 -14.83
C ARG A 69 -2.72 -11.30 -14.19
N PRO A 70 -3.77 -11.03 -14.99
CA PRO A 70 -5.11 -10.85 -14.39
C PRO A 70 -5.76 -12.15 -13.91
N SER A 71 -5.08 -12.80 -12.97
CA SER A 71 -5.59 -13.99 -12.29
C SER A 71 -5.02 -14.02 -10.88
N SER A 72 -5.70 -14.73 -9.99
CA SER A 72 -5.19 -14.97 -8.65
C SER A 72 -5.93 -16.15 -8.03
N TRP A 73 -5.42 -16.59 -6.87
CA TRP A 73 -6.06 -17.67 -6.11
C TRP A 73 -7.50 -17.33 -5.78
N ARG A 74 -7.87 -16.05 -5.77
CA ARG A 74 -9.25 -15.66 -5.51
C ARG A 74 -10.12 -15.76 -6.75
N GLN A 75 -9.55 -15.59 -7.94
CA GLN A 75 -10.30 -15.47 -9.18
C GLN A 75 -9.45 -15.94 -10.34
N GLU A 76 -9.96 -16.93 -11.10
CA GLU A 76 -9.23 -17.40 -12.27
C GLU A 76 -9.08 -16.29 -13.29
N LYS A 77 -10.12 -15.48 -13.48
CA LYS A 77 -10.13 -14.35 -14.40
C LYS A 77 -10.49 -13.09 -13.62
N ILE A 78 -9.51 -12.24 -13.36
CA ILE A 78 -9.79 -10.96 -12.73
C ILE A 78 -10.24 -9.98 -13.79
N THR A 79 -11.46 -9.46 -13.63
CA THR A 79 -12.18 -8.70 -14.62
C THR A 79 -12.50 -7.28 -14.16
N ARG A 80 -12.19 -6.95 -12.92
CA ARG A 80 -12.48 -5.63 -12.41
C ARG A 80 -11.55 -4.61 -13.04
N THR A 81 -12.06 -3.39 -13.22
CA THR A 81 -11.31 -2.30 -13.79
C THR A 81 -10.34 -1.71 -12.76
N LYS A 82 -9.31 -1.00 -13.25
CA LYS A 82 -8.41 -0.34 -12.30
C LYS A 82 -9.17 0.56 -11.36
N GLU A 83 -10.18 1.27 -11.87
CA GLU A 83 -10.90 2.21 -11.01
C GLU A 83 -11.70 1.47 -9.95
N GLU A 84 -12.26 0.30 -10.31
CA GLU A 84 -12.94 -0.53 -9.32
C GLU A 84 -11.94 -1.09 -8.31
N ALA A 85 -10.76 -1.49 -8.80
CA ALA A 85 -9.73 -1.99 -7.89
C ALA A 85 -9.27 -0.91 -6.93
N LEU A 86 -9.12 0.32 -7.41
CA LEU A 86 -8.76 1.42 -6.52
C LEU A 86 -9.85 1.67 -5.49
N GLU A 87 -11.12 1.55 -5.89
CA GLU A 87 -12.16 1.83 -4.91
C GLU A 87 -12.14 0.77 -3.82
N LEU A 88 -11.85 -0.49 -4.18
CA LEU A 88 -11.67 -1.54 -3.17
C LEU A 88 -10.50 -1.23 -2.25
N ILE A 89 -9.37 -0.85 -2.84
CA ILE A 89 -8.22 -0.44 -2.03
C ILE A 89 -8.60 0.71 -1.10
N ASN A 90 -9.31 1.72 -1.61
CA ASN A 90 -9.68 2.85 -0.76
C ASN A 90 -10.52 2.38 0.43
N GLY A 91 -11.44 1.45 0.18
CA GLY A 91 -12.32 0.99 1.25
C GLY A 91 -11.56 0.17 2.28
N TYR A 92 -10.63 -0.66 1.83
CA TYR A 92 -9.83 -1.43 2.80
C TYR A 92 -9.00 -0.51 3.66
N ILE A 93 -8.38 0.50 3.05
CA ILE A 93 -7.62 1.48 3.82
C ILE A 93 -8.50 2.15 4.86
N GLN A 94 -9.72 2.50 4.47
CA GLN A 94 -10.62 3.12 5.41
C GLN A 94 -10.87 2.23 6.63
N LYS A 95 -11.11 0.93 6.41
CA LYS A 95 -11.41 0.05 7.53
C LYS A 95 -10.17 -0.22 8.38
N ILE A 96 -8.99 -0.24 7.77
CA ILE A 96 -7.76 -0.40 8.56
C ILE A 96 -7.54 0.83 9.44
N LYS A 97 -7.64 2.01 8.85
CA LYS A 97 -7.36 3.24 9.59
C LYS A 97 -8.40 3.48 10.67
N SER A 98 -9.65 3.07 10.46
CA SER A 98 -10.66 3.20 11.50
C SER A 98 -10.56 2.11 12.55
N GLY A 99 -9.78 1.07 12.28
CA GLY A 99 -9.69 -0.06 13.18
C GLY A 99 -10.84 -1.03 13.12
N GLU A 100 -11.85 -0.77 12.29
CA GLU A 100 -12.86 -1.77 11.98
C GLU A 100 -12.23 -3.10 11.57
N GLU A 101 -11.07 -3.07 10.92
CA GLU A 101 -10.47 -4.29 10.40
C GLU A 101 -8.95 -4.17 10.51
N ASP A 102 -8.24 -5.27 10.74
CA ASP A 102 -6.77 -5.28 10.70
C ASP A 102 -6.27 -5.47 9.28
N PHE A 103 -5.08 -4.91 9.02
CA PHE A 103 -4.40 -5.12 7.74
C PHE A 103 -4.24 -6.61 7.44
N GLU A 104 -3.70 -7.36 8.41
CA GLU A 104 -3.47 -8.79 8.23
C GLU A 104 -4.74 -9.55 7.88
N SER A 105 -5.86 -9.20 8.51
CA SER A 105 -7.11 -9.91 8.25
C SER A 105 -7.59 -9.67 6.82
N LEU A 106 -7.67 -8.41 6.42
CA LEU A 106 -8.03 -8.05 5.05
C LEU A 106 -7.08 -8.64 4.03
N ALA A 107 -5.78 -8.64 4.32
CA ALA A 107 -4.84 -9.20 3.36
C ALA A 107 -5.12 -10.68 3.14
N SER A 108 -5.34 -11.42 4.24
CA SER A 108 -5.63 -12.85 4.15
C SER A 108 -6.87 -13.14 3.33
N GLN A 109 -7.88 -12.28 3.44
CA GLN A 109 -9.17 -12.51 2.82
C GLN A 109 -9.23 -12.02 1.39
N PHE A 110 -8.51 -10.94 1.07
CA PHE A 110 -8.76 -10.21 -0.16
C PHE A 110 -7.54 -9.93 -1.03
N SER A 111 -6.32 -10.15 -0.56
CA SER A 111 -5.16 -9.90 -1.41
C SER A 111 -5.11 -10.89 -2.56
N ASP A 112 -4.98 -10.36 -3.78
CA ASP A 112 -4.82 -11.15 -4.99
C ASP A 112 -3.42 -11.68 -5.17
N CYS A 113 -2.62 -11.72 -4.11
CA CYS A 113 -1.26 -12.23 -4.13
C CYS A 113 -1.21 -13.55 -3.36
N SER A 114 -0.24 -14.39 -3.72
CA SER A 114 -0.07 -15.65 -3.00
C SER A 114 0.33 -15.40 -1.56
N SER A 115 0.83 -14.21 -1.24
CA SER A 115 1.22 -13.89 0.11
C SER A 115 0.03 -13.66 1.03
N ALA A 116 -1.19 -13.65 0.48
CA ALA A 116 -2.37 -13.60 1.34
C ALA A 116 -2.35 -14.70 2.39
N LYS A 117 -1.85 -15.89 2.02
CA LYS A 117 -1.85 -17.02 2.94
C LYS A 117 -0.86 -16.81 4.09
N ALA A 118 0.02 -15.82 3.99
CA ALA A 118 0.88 -15.41 5.10
C ALA A 118 0.52 -14.03 5.59
N ARG A 119 -0.77 -13.70 5.62
CA ARG A 119 -1.26 -12.40 6.07
C ARG A 119 -0.55 -11.26 5.35
N GLY A 120 -0.17 -11.51 4.10
CA GLY A 120 0.43 -10.49 3.24
C GLY A 120 1.92 -10.35 3.37
N ASP A 121 2.55 -11.06 4.30
CA ASP A 121 3.99 -10.96 4.51
C ASP A 121 4.74 -11.38 3.26
N LEU A 122 5.68 -10.53 2.83
CA LEU A 122 6.59 -10.81 1.74
C LEU A 122 7.99 -11.16 2.21
N GLY A 123 8.27 -11.04 3.51
CA GLY A 123 9.64 -11.18 3.97
C GLY A 123 10.42 -9.89 3.75
N ALA A 124 11.72 -10.00 3.94
CA ALA A 124 12.59 -8.86 3.75
C ALA A 124 13.13 -8.83 2.31
N PHE A 125 13.48 -7.64 1.86
CA PHE A 125 13.98 -7.49 0.51
C PHE A 125 14.86 -6.26 0.41
N SER A 126 15.73 -6.26 -0.59
CA SER A 126 16.61 -5.14 -0.88
C SER A 126 16.05 -4.33 -2.03
N ARG A 127 16.73 -3.23 -2.32
CA ARG A 127 16.48 -2.47 -3.53
C ARG A 127 16.95 -3.28 -4.73
N GLY A 128 16.19 -3.21 -5.82
CA GLY A 128 16.50 -3.98 -7.02
C GLY A 128 15.68 -5.23 -7.20
N GLN A 129 14.91 -5.64 -6.20
CA GLN A 129 14.15 -6.88 -6.17
C GLN A 129 12.67 -6.73 -6.52
N MET A 130 11.99 -5.71 -6.01
CA MET A 130 10.58 -5.55 -6.29
CA MET A 130 10.57 -5.53 -6.27
C MET A 130 10.35 -4.60 -7.44
N GLN A 131 9.09 -4.56 -7.89
CA GLN A 131 8.67 -3.53 -8.82
C GLN A 131 8.97 -2.16 -8.21
N LYS A 132 9.46 -1.24 -9.05
CA LYS A 132 10.03 0.00 -8.52
C LYS A 132 9.07 0.83 -7.68
N PRO A 133 7.82 1.09 -8.08
CA PRO A 133 6.95 1.89 -7.22
C PRO A 133 6.72 1.25 -5.87
N PHE A 134 6.59 -0.07 -5.85
CA PHE A 134 6.49 -0.81 -4.60
C PHE A 134 7.75 -0.63 -3.78
N GLU A 135 8.92 -0.80 -4.41
CA GLU A 135 10.19 -0.67 -3.68
C GLU A 135 10.31 0.72 -3.05
N ASP A 136 10.12 1.77 -3.84
CA ASP A 136 10.25 3.14 -3.35
C ASP A 136 9.31 3.44 -2.18
N ALA A 137 8.05 3.00 -2.28
CA ALA A 137 7.13 3.21 -1.17
C ALA A 137 7.59 2.45 0.06
N SER A 138 8.02 1.19 -0.13
CA SER A 138 8.47 0.38 0.99
C SER A 138 9.59 1.04 1.75
N PHE A 139 10.58 1.57 1.04
CA PHE A 139 11.74 2.17 1.65
C PHE A 139 11.47 3.60 2.13
N ALA A 140 10.42 4.24 1.65
CA ALA A 140 10.02 5.52 2.21
C ALA A 140 9.15 5.39 3.44
N LEU A 141 8.61 4.21 3.71
CA LEU A 141 7.75 4.01 4.88
C LEU A 141 8.65 3.94 6.11
N ARG A 142 8.16 4.48 7.22
CA ARG A 142 8.89 4.25 8.45
C ARG A 142 8.40 2.93 9.04
N THR A 143 9.20 2.34 9.93
CA THR A 143 8.79 1.05 10.47
C THR A 143 7.45 1.23 11.17
N GLY A 144 6.50 0.35 10.85
CA GLY A 144 5.17 0.44 11.37
C GLY A 144 4.19 1.16 10.47
N GLU A 145 4.68 1.91 9.48
CA GLU A 145 3.81 2.76 8.67
C GLU A 145 3.17 1.99 7.53
N MET A 146 2.07 2.52 7.04
CA MET A 146 1.34 1.93 5.94
C MET A 146 1.18 2.95 4.83
N SER A 147 1.26 2.46 3.61
CA SER A 147 1.16 3.32 2.43
C SER A 147 -0.30 3.64 2.12
N GLY A 148 -0.49 4.50 1.13
CA GLY A 148 -1.77 4.59 0.47
C GLY A 148 -1.71 3.65 -0.70
N PRO A 149 -2.62 3.82 -1.65
CA PRO A 149 -2.60 3.01 -2.87
C PRO A 149 -1.31 3.20 -3.63
N VAL A 150 -0.60 2.11 -3.86
CA VAL A 150 0.63 2.12 -4.64
C VAL A 150 0.40 1.30 -5.91
N PHE A 151 0.67 1.92 -7.05
CA PHE A 151 0.35 1.36 -8.34
C PHE A 151 1.59 0.70 -8.94
N THR A 152 1.46 -0.55 -9.33
CA THR A 152 2.53 -1.24 -10.05
C THR A 152 1.91 -2.01 -11.18
N ASP A 153 2.74 -2.74 -11.93
CA ASP A 153 2.19 -3.51 -13.01
C ASP A 153 1.35 -4.70 -12.52
N SER A 154 1.50 -5.12 -11.25
CA SER A 154 0.68 -6.22 -10.75
C SER A 154 -0.71 -5.74 -10.40
N GLY A 155 -0.86 -4.46 -10.06
CA GLY A 155 -2.13 -3.95 -9.65
C GLY A 155 -1.98 -2.80 -8.70
N ILE A 156 -2.80 -2.79 -7.66
CA ILE A 156 -2.77 -1.75 -6.63
C ILE A 156 -2.52 -2.40 -5.29
N HIS A 157 -1.58 -1.83 -4.53
CA HIS A 157 -1.07 -2.35 -3.29
C HIS A 157 -1.40 -1.40 -2.13
N ILE A 158 -1.69 -1.98 -0.98
CA ILE A 158 -1.52 -1.33 0.31
C ILE A 158 -0.30 -1.98 0.94
N ILE A 159 0.70 -1.19 1.30
CA ILE A 159 1.96 -1.74 1.79
C ILE A 159 2.08 -1.40 3.26
N LEU A 160 2.46 -2.39 4.06
CA LEU A 160 2.71 -2.21 5.48
C LEU A 160 4.17 -2.54 5.77
N ARG A 161 4.94 -1.57 6.22
CA ARG A 161 6.33 -1.87 6.54
C ARG A 161 6.44 -2.40 7.95
N THR A 162 6.95 -3.63 8.09
CA THR A 162 7.04 -4.24 9.41
C THR A 162 8.45 -4.23 10.00
N GLU A 163 9.49 -4.15 9.18
CA GLU A 163 10.84 -4.07 9.72
C GLU A 163 11.72 -3.21 8.83
N1 A1EFF B . 4.07 -16.27 -0.02
C4 A1EFF B . 5.20 -15.69 0.48
C5 A1EFF B . 5.74 -16.00 1.83
C6 A1EFF B . 3.20 -17.24 0.63
C1 A1EFF B . 4.82 -14.28 -2.90
C2 A1EFF B . 4.78 -14.98 -1.58
C3 A1EFF B . 5.66 -14.86 -0.49
N2 A1EFF B . 3.81 -15.84 -1.30
O1 A1EFF B . 5.55 -14.96 2.77
O1 PE8 C . -2.35 6.68 4.79
C2 PE8 C . -2.68 6.06 3.57
C3 PE8 C . -3.76 6.77 2.83
O4 PE8 C . -4.90 6.90 3.67
C5 PE8 C . -6.01 7.47 3.00
C6 PE8 C . -7.20 7.48 3.91
O7 PE8 C . -6.94 8.34 5.02
C8 PE8 C . -8.12 8.66 5.74
C9 PE8 C . -7.78 9.44 6.95
O10 PE8 C . -7.07 10.61 6.53
C11 PE8 C . -6.59 11.38 7.63
C12 PE8 C . -5.88 12.60 7.10
O13 PE8 C . -6.72 13.23 6.13
C14 PE8 C . -6.17 14.44 5.63
C15 PE8 C . -7.07 14.96 4.56
O16 PE8 C . -6.99 14.09 3.44
C17 PE8 C . -7.49 14.67 2.25
C18 PE8 C . -6.99 13.87 1.08
O19 PE8 C . -7.55 12.56 1.15
C20 PE8 C . -6.88 11.60 0.34
C21 PE8 C . -7.32 10.22 0.74
O22 PE8 C . -8.67 9.99 0.36
C23 PE8 C . -8.84 10.01 -1.05
C24 PE8 C . -10.02 10.87 -1.44
O25 PE8 C . -9.84 12.22 -1.06
S SO4 D . 12.65 3.75 10.63
O1 SO4 D . 13.55 4.77 11.16
O2 SO4 D . 12.51 3.93 9.18
O3 SO4 D . 13.21 2.43 10.88
O4 SO4 D . 11.34 3.85 11.25
S SO4 E . 1.72 -10.35 -11.24
O1 SO4 E . 2.49 -9.64 -10.22
O2 SO4 E . 0.56 -9.58 -11.75
O3 SO4 E . 2.63 -10.60 -12.35
O4 SO4 E . 1.27 -11.62 -10.63
#